data_5LFR
#
_entry.id   5LFR
#
_cell.length_a   43.060
_cell.length_b   60.400
_cell.length_c   79.220
_cell.angle_alpha   72.70
_cell.angle_beta   86.71
_cell.angle_gamma   83.01
#
_symmetry.space_group_name_H-M   'P 1'
#
loop_
_entity.id
_entity.type
_entity.pdbx_description
1 polymer 'Myelin-associated glycoprotein'
2 branched alpha-D-mannopyranose-(1-3)-alpha-D-mannopyranose-(1-6)-beta-D-mannopyranose-(1-4)-2-acetamido-2-deoxy-beta-D-glucopyranose-(1-4)-2-acetamido-2-deoxy-beta-D-glucopyranose
3 branched alpha-D-mannopyranose-(1-3)-beta-D-mannopyranose-(1-4)-2-acetamido-2-deoxy-beta-D-glucopyranose-(1-4)-2-acetamido-2-deoxy-beta-D-glucopyranose
4 non-polymer alpha-D-mannopyranose
5 non-polymer 2-acetamido-2-deoxy-beta-D-glucopyranose
6 non-polymer GLYCEROL
7 non-polymer 'SULFATE ION'
8 water water
#
_entity_poly.entity_id   1
_entity_poly.type   'polypeptide(L)'
_entity_poly.pdbx_seq_one_letter_code
;GSGHWGAWMPSTISAFEGTCVSIPCRFDFPDELRPAVVHGVWYFNSPYPKNYPPVVFKSRTQVVHESFQGRSRLLGDLGL
RNCTLLLSTLSPELGGKYYFRGDLGGYNQYTFSEHSVLDIVNTPNIVVPPEVVAGTEVEVSCMVPDNCPELRPELSWLGH
EGLGEPTVLGRLREDEGTWVQVSLLHFVPTREANGHRLGCQAAFPNTTLQFEGYASLDVKYPPVIVEMNSSVEAIEGSHV
SLLCGADSNPPPLLTWMRDGMVLREAVAKSLYLDLEEVTPGEDGVYACLAENAYGQDNRTVELSVMYAAAAHHHHHH
;
_entity_poly.pdbx_strand_id   A,B
#
# COMPACT_ATOMS: atom_id res chain seq x y z
N SER A 2 -12.24 5.08 -27.91
CA SER A 2 -13.42 4.27 -28.18
C SER A 2 -13.34 3.63 -29.57
N GLY A 3 -13.48 2.31 -29.61
CA GLY A 3 -13.39 1.57 -30.86
C GLY A 3 -12.00 1.69 -31.46
N HIS A 4 -10.99 1.30 -30.69
CA HIS A 4 -9.61 1.44 -31.11
C HIS A 4 -8.78 0.19 -30.80
N TRP A 5 -7.72 -0.03 -31.57
CA TRP A 5 -6.77 -1.09 -31.26
C TRP A 5 -6.12 -0.81 -29.92
N GLY A 6 -6.16 -1.78 -29.03
CA GLY A 6 -5.57 -1.62 -27.71
C GLY A 6 -5.79 -2.85 -26.85
N ALA A 7 -5.01 -2.97 -25.78
CA ALA A 7 -5.15 -4.07 -24.85
C ALA A 7 -5.06 -3.58 -23.41
N TRP A 8 -5.53 -4.39 -22.48
CA TRP A 8 -5.46 -4.05 -21.06
C TRP A 8 -5.09 -5.27 -20.23
N MET A 9 -3.94 -5.19 -19.57
CA MET A 9 -3.47 -6.28 -18.73
C MET A 9 -2.49 -5.72 -17.69
N PRO A 10 -2.40 -6.37 -16.52
CA PRO A 10 -1.47 -5.91 -15.49
C PRO A 10 -0.02 -6.00 -15.97
N SER A 11 0.71 -4.89 -15.85
CA SER A 11 2.10 -4.83 -16.31
C SER A 11 2.97 -5.87 -15.60
N THR A 12 2.68 -6.12 -14.33
CA THR A 12 3.39 -7.13 -13.56
C THR A 12 2.42 -8.01 -12.78
N ILE A 13 2.76 -9.28 -12.64
CA ILE A 13 1.96 -10.23 -11.89
C ILE A 13 2.85 -11.36 -11.37
N SER A 14 2.53 -11.90 -10.20
CA SER A 14 3.37 -12.93 -9.60
C SER A 14 2.57 -14.14 -9.15
N ALA A 15 3.23 -15.30 -9.10
CA ALA A 15 2.61 -16.54 -8.67
C ALA A 15 3.65 -17.50 -8.12
N PHE A 16 3.20 -18.44 -7.29
CA PHE A 16 4.11 -19.42 -6.71
C PHE A 16 4.50 -20.50 -7.70
N GLU A 17 5.76 -20.92 -7.64
CA GLU A 17 6.27 -22.02 -8.42
C GLU A 17 5.47 -23.28 -8.16
N GLY A 18 5.08 -23.98 -9.23
CA GLY A 18 4.33 -25.22 -9.09
C GLY A 18 2.83 -25.03 -9.02
N THR A 19 2.39 -23.76 -9.01
CA THR A 19 0.97 -23.46 -8.98
C THR A 19 0.51 -22.99 -10.37
N CYS A 20 -0.49 -22.11 -10.38
CA CYS A 20 -0.99 -21.57 -11.64
C CYS A 20 -1.08 -20.05 -11.57
N VAL A 21 -1.46 -19.44 -12.68
CA VAL A 21 -1.70 -18.00 -12.71
C VAL A 21 -2.69 -17.64 -13.81
N SER A 22 -3.63 -16.77 -13.50
CA SER A 22 -4.55 -16.25 -14.50
C SER A 22 -4.23 -14.80 -14.77
N ILE A 23 -3.78 -14.52 -15.99
CA ILE A 23 -3.48 -13.16 -16.40
C ILE A 23 -4.72 -12.50 -17.00
N PRO A 24 -5.35 -11.58 -16.25
CA PRO A 24 -6.54 -10.89 -16.74
C PRO A 24 -6.21 -10.05 -17.97
N CYS A 25 -7.01 -10.17 -19.02
CA CYS A 25 -6.70 -9.49 -20.27
C CYS A 25 -7.95 -9.09 -21.06
N ARG A 26 -7.95 -7.86 -21.54
CA ARG A 26 -9.01 -7.36 -22.40
C ARG A 26 -8.38 -6.58 -23.55
N PHE A 27 -8.93 -6.73 -24.75
CA PHE A 27 -8.43 -6.00 -25.90
C PHE A 27 -9.58 -5.38 -26.69
N ASP A 28 -9.25 -4.40 -27.52
CA ASP A 28 -10.26 -3.69 -28.30
C ASP A 28 -9.82 -3.51 -29.74
N PHE A 29 -10.78 -3.29 -30.62
CA PHE A 29 -10.51 -3.08 -32.04
C PHE A 29 -11.64 -2.25 -32.65
N PRO A 30 -11.38 -1.62 -33.80
CA PRO A 30 -12.43 -0.85 -34.48
C PRO A 30 -13.71 -1.66 -34.69
N ASP A 31 -14.83 -1.13 -34.22
CA ASP A 31 -16.12 -1.80 -34.34
C ASP A 31 -16.54 -1.92 -35.81
N GLU A 32 -15.92 -1.13 -36.66
CA GLU A 32 -16.22 -1.11 -38.09
C GLU A 32 -15.82 -2.40 -38.80
N LEU A 33 -15.09 -3.27 -38.12
CA LEU A 33 -14.57 -4.48 -38.73
C LEU A 33 -15.60 -5.61 -38.76
N ARG A 34 -16.29 -5.80 -37.64
CA ARG A 34 -17.31 -6.85 -37.50
C ARG A 34 -16.80 -8.22 -37.97
N PRO A 35 -15.78 -8.76 -37.29
CA PRO A 35 -15.22 -10.05 -37.71
C PRO A 35 -16.17 -11.21 -37.44
N ALA A 36 -16.28 -12.13 -38.39
CA ALA A 36 -17.07 -13.34 -38.18
C ALA A 36 -16.40 -14.21 -37.13
N VAL A 37 -15.08 -14.26 -37.18
CA VAL A 37 -14.30 -15.06 -36.23
C VAL A 37 -13.08 -14.27 -35.74
N VAL A 38 -12.90 -14.22 -34.42
CA VAL A 38 -11.77 -13.51 -33.83
C VAL A 38 -10.68 -14.48 -33.37
N HIS A 39 -9.49 -14.33 -33.94
CA HIS A 39 -8.35 -15.16 -33.57
C HIS A 39 -7.31 -14.35 -32.77
N GLY A 40 -6.44 -15.05 -32.05
CA GLY A 40 -5.44 -14.39 -31.23
C GLY A 40 -4.22 -15.24 -30.96
N VAL A 41 -3.11 -14.57 -30.65
CA VAL A 41 -1.87 -15.26 -30.33
C VAL A 41 -1.20 -14.69 -29.07
N TRP A 42 -0.89 -15.57 -28.13
CA TRP A 42 -0.10 -15.18 -26.95
C TRP A 42 1.36 -15.55 -27.14
N TYR A 43 2.25 -14.57 -26.95
CA TYR A 43 3.68 -14.81 -27.09
C TYR A 43 4.40 -14.74 -25.75
N PHE A 44 5.57 -15.36 -25.68
CA PHE A 44 6.38 -15.34 -24.46
C PHE A 44 7.80 -14.87 -24.75
N ASN A 45 8.27 -13.89 -23.98
CA ASN A 45 9.65 -13.43 -24.08
C ASN A 45 10.36 -13.56 -22.75
N SER A 46 11.30 -14.49 -22.67
CA SER A 46 11.98 -14.80 -21.41
C SER A 46 12.93 -13.71 -20.89
N PRO A 47 13.82 -13.16 -21.74
CA PRO A 47 14.73 -12.17 -21.15
C PRO A 47 14.22 -10.74 -21.33
N ASN A 51 14.07 -12.54 -30.97
CA ASN A 51 13.29 -12.21 -32.15
C ASN A 51 12.38 -13.37 -32.55
N TYR A 52 12.56 -14.51 -31.89
CA TYR A 52 11.71 -15.67 -32.11
C TYR A 52 11.09 -16.17 -30.81
N PRO A 53 10.10 -15.42 -30.29
CA PRO A 53 9.45 -15.79 -29.03
C PRO A 53 8.59 -17.04 -29.18
N PRO A 54 8.66 -17.96 -28.20
CA PRO A 54 7.80 -19.15 -28.21
C PRO A 54 6.31 -18.81 -28.17
N VAL A 55 5.50 -19.61 -28.84
CA VAL A 55 4.06 -19.40 -28.88
C VAL A 55 3.38 -20.08 -27.69
N VAL A 56 2.73 -19.27 -26.86
CA VAL A 56 1.98 -19.79 -25.72
C VAL A 56 0.63 -20.34 -26.17
N PHE A 57 -0.05 -19.57 -27.02
CA PHE A 57 -1.37 -19.94 -27.51
C PHE A 57 -1.61 -19.36 -28.89
N LYS A 58 -2.22 -20.15 -29.77
CA LYS A 58 -2.53 -19.70 -31.12
C LYS A 58 -3.78 -20.38 -31.64
N SER A 59 -4.90 -19.67 -31.64
CA SER A 59 -6.20 -20.23 -32.01
C SER A 59 -6.24 -20.75 -33.44
N ARG A 60 -5.46 -20.14 -34.33
CA ARG A 60 -5.44 -20.52 -35.74
C ARG A 60 -5.00 -21.97 -35.94
N THR A 61 -3.77 -22.27 -35.56
CA THR A 61 -3.17 -23.57 -35.83
C THR A 61 -3.12 -24.48 -34.60
N GLN A 62 -3.56 -23.96 -33.47
CA GLN A 62 -3.54 -24.67 -32.19
C GLN A 62 -2.13 -25.07 -31.79
N VAL A 63 -1.13 -24.41 -32.37
CA VAL A 63 0.26 -24.76 -32.09
C VAL A 63 0.64 -24.25 -30.69
N VAL A 64 1.33 -25.11 -29.94
CA VAL A 64 1.78 -24.74 -28.61
C VAL A 64 3.24 -25.15 -28.44
N HIS A 65 4.06 -24.21 -27.99
CA HIS A 65 5.45 -24.50 -27.66
C HIS A 65 5.49 -25.56 -26.57
N GLU A 66 6.51 -26.43 -26.63
CA GLU A 66 6.58 -27.56 -25.70
C GLU A 66 6.59 -27.13 -24.24
N SER A 67 7.18 -25.96 -23.98
CA SER A 67 7.24 -25.43 -22.62
C SER A 67 5.87 -25.05 -22.09
N PHE A 68 4.90 -24.90 -22.98
CA PHE A 68 3.56 -24.48 -22.60
C PHE A 68 2.49 -25.54 -22.88
N GLN A 69 2.91 -26.68 -23.44
CA GLN A 69 1.99 -27.76 -23.75
C GLN A 69 1.40 -28.38 -22.50
N GLY A 70 0.08 -28.37 -22.40
CA GLY A 70 -0.62 -28.92 -21.24
C GLY A 70 -0.42 -28.06 -20.00
N ARG A 71 0.02 -26.82 -20.21
CA ARG A 71 0.28 -25.91 -19.10
C ARG A 71 -0.36 -24.55 -19.38
N SER A 72 -0.96 -24.41 -20.56
CA SER A 72 -1.57 -23.13 -20.95
C SER A 72 -2.90 -23.35 -21.65
N ARG A 73 -3.88 -22.52 -21.32
CA ARG A 73 -5.18 -22.55 -21.96
C ARG A 73 -5.80 -21.15 -21.93
N LEU A 74 -6.55 -20.81 -22.97
CA LEU A 74 -7.19 -19.50 -23.04
C LEU A 74 -8.51 -19.46 -22.28
N LEU A 75 -8.61 -18.56 -21.32
CA LEU A 75 -9.85 -18.37 -20.57
C LEU A 75 -10.61 -17.15 -21.11
N GLY A 76 -11.92 -17.31 -21.30
CA GLY A 76 -12.73 -16.23 -21.82
C GLY A 76 -12.72 -16.20 -23.34
N ASP A 77 -13.77 -15.61 -23.91
CA ASP A 77 -13.97 -15.62 -25.35
C ASP A 77 -13.27 -14.44 -26.03
N LEU A 78 -12.51 -14.72 -27.08
CA LEU A 78 -11.88 -13.68 -27.88
C LEU A 78 -12.92 -12.87 -28.63
N GLY A 79 -14.09 -13.49 -28.87
CA GLY A 79 -15.19 -12.81 -29.52
C GLY A 79 -15.84 -11.81 -28.58
N LEU A 80 -15.57 -11.96 -27.29
CA LEU A 80 -16.07 -11.03 -26.29
C LEU A 80 -14.96 -10.07 -25.86
N ARG A 81 -13.92 -9.99 -26.68
CA ARG A 81 -12.78 -9.10 -26.43
C ARG A 81 -12.10 -9.42 -25.10
N ASN A 82 -12.06 -10.70 -24.77
CA ASN A 82 -11.50 -11.18 -23.51
C ASN A 82 -10.40 -12.20 -23.79
N CYS A 83 -9.16 -11.80 -23.55
CA CYS A 83 -8.00 -12.63 -23.89
C CYS A 83 -7.29 -13.17 -22.64
N THR A 84 -8.06 -13.38 -21.58
CA THR A 84 -7.52 -13.88 -20.32
C THR A 84 -6.80 -15.23 -20.49
N LEU A 85 -5.59 -15.32 -19.95
CA LEU A 85 -4.76 -16.51 -20.12
C LEU A 85 -4.51 -17.23 -18.80
N LEU A 86 -4.61 -18.55 -18.81
CA LEU A 86 -4.29 -19.36 -17.65
C LEU A 86 -3.05 -20.21 -17.89
N LEU A 87 -2.04 -20.02 -17.06
CA LEU A 87 -0.83 -20.83 -17.11
C LEU A 87 -0.80 -21.75 -15.89
N SER A 88 -0.55 -23.04 -16.13
CA SER A 88 -0.63 -24.03 -15.06
C SER A 88 0.69 -24.79 -14.86
N THR A 89 0.83 -25.38 -13.68
CA THR A 89 2.04 -26.11 -13.28
C THR A 89 3.28 -25.25 -13.57
N LEU A 90 3.34 -24.10 -12.91
CA LEU A 90 4.38 -23.13 -13.20
C LEU A 90 5.78 -23.57 -12.76
N SER A 91 6.76 -23.29 -13.61
CA SER A 91 8.15 -23.57 -13.32
C SER A 91 8.96 -22.32 -13.69
N PRO A 92 10.07 -22.06 -12.97
CA PRO A 92 10.88 -20.84 -13.10
C PRO A 92 11.14 -20.39 -14.54
N GLU A 93 11.20 -21.34 -15.46
CA GLU A 93 11.45 -21.05 -16.87
C GLU A 93 10.34 -20.21 -17.50
N LEU A 94 9.14 -20.26 -16.91
CA LEU A 94 8.00 -19.55 -17.46
C LEU A 94 7.97 -18.09 -17.04
N GLY A 95 8.95 -17.68 -16.25
CA GLY A 95 9.07 -16.29 -15.83
C GLY A 95 9.54 -15.40 -16.97
N GLY A 96 8.80 -14.33 -17.22
CA GLY A 96 9.16 -13.41 -18.30
C GLY A 96 7.99 -12.57 -18.78
N LYS A 97 8.14 -12.00 -19.97
CA LYS A 97 7.12 -11.12 -20.54
C LYS A 97 6.11 -11.88 -21.39
N TYR A 98 4.83 -11.58 -21.17
CA TYR A 98 3.76 -12.14 -22.00
C TYR A 98 3.00 -11.01 -22.69
N TYR A 99 2.81 -11.15 -24.00
CA TYR A 99 2.03 -10.16 -24.74
C TYR A 99 1.08 -10.81 -25.72
N PHE A 100 0.02 -10.09 -26.10
CA PHE A 100 -1.07 -10.65 -26.89
C PHE A 100 -1.13 -10.06 -28.29
N ARG A 101 -1.57 -10.86 -29.25
CA ARG A 101 -1.67 -10.44 -30.64
C ARG A 101 -3.04 -10.78 -31.21
N GLY A 102 -3.77 -9.76 -31.67
CA GLY A 102 -5.10 -9.95 -32.22
C GLY A 102 -5.07 -10.34 -33.69
N ASP A 103 -6.03 -11.16 -34.11
CA ASP A 103 -6.12 -11.60 -35.49
C ASP A 103 -7.57 -11.67 -35.94
N LEU A 104 -8.00 -10.69 -36.75
CA LEU A 104 -9.37 -10.62 -37.20
C LEU A 104 -9.50 -10.95 -38.68
N GLY A 105 -8.57 -11.76 -39.18
CA GLY A 105 -8.57 -12.15 -40.58
C GLY A 105 -8.01 -11.08 -41.48
N GLY A 106 -7.73 -11.45 -42.73
CA GLY A 106 -7.17 -10.52 -43.70
C GLY A 106 -5.84 -9.95 -43.25
N TYR A 107 -5.71 -8.64 -43.35
CA TYR A 107 -4.49 -7.97 -42.90
C TYR A 107 -4.70 -7.37 -41.52
N ASN A 108 -5.79 -7.73 -40.86
CA ASN A 108 -6.13 -7.15 -39.57
C ASN A 108 -5.52 -7.91 -38.39
N GLN A 109 -4.22 -8.14 -38.46
CA GLN A 109 -3.48 -8.67 -37.32
C GLN A 109 -2.86 -7.50 -36.56
N TYR A 110 -2.78 -7.62 -35.24
CA TYR A 110 -2.29 -6.51 -34.42
C TYR A 110 -1.64 -6.99 -33.12
N THR A 111 -0.34 -6.75 -33.01
CA THR A 111 0.39 -7.06 -31.78
C THR A 111 0.32 -5.88 -30.82
N PHE A 112 -0.39 -6.06 -29.72
CA PHE A 112 -0.62 -4.97 -28.77
C PHE A 112 0.64 -4.65 -27.97
N SER A 113 0.80 -3.37 -27.65
CA SER A 113 2.02 -2.87 -27.01
C SER A 113 2.11 -3.29 -25.54
N GLU A 114 1.03 -3.09 -24.80
CA GLU A 114 1.05 -3.43 -23.39
C GLU A 114 1.24 -4.92 -23.18
N HIS A 115 2.19 -5.24 -22.30
CA HIS A 115 2.50 -6.63 -21.99
C HIS A 115 2.35 -6.91 -20.51
N SER A 116 2.64 -8.14 -20.10
CA SER A 116 2.56 -8.54 -18.70
C SER A 116 3.79 -9.34 -18.28
N VAL A 117 4.49 -8.83 -17.26
CA VAL A 117 5.68 -9.50 -16.75
C VAL A 117 5.32 -10.45 -15.61
N LEU A 118 5.51 -11.74 -15.83
CA LEU A 118 5.21 -12.75 -14.82
C LEU A 118 6.43 -13.07 -13.97
N ASP A 119 6.30 -12.87 -12.66
CA ASP A 119 7.36 -13.20 -11.73
C ASP A 119 7.02 -14.46 -10.95
N ILE A 120 7.85 -15.49 -11.09
CA ILE A 120 7.61 -16.75 -10.40
C ILE A 120 8.47 -16.82 -9.14
N VAL A 121 7.81 -17.00 -8.00
CA VAL A 121 8.49 -16.94 -6.71
C VAL A 121 8.40 -18.26 -5.95
N ASN A 122 9.23 -18.40 -4.92
CA ASN A 122 9.25 -19.62 -4.12
C ASN A 122 9.25 -19.33 -2.62
N THR A 123 9.24 -18.05 -2.27
CA THR A 123 9.19 -17.64 -0.87
C THR A 123 8.15 -16.56 -0.66
N PRO A 124 7.43 -16.60 0.48
CA PRO A 124 6.49 -15.53 0.83
C PRO A 124 7.20 -14.21 1.05
N ASN A 125 6.44 -13.13 1.13
CA ASN A 125 7.04 -11.80 1.25
C ASN A 125 6.85 -11.19 2.63
N ILE A 126 7.95 -11.04 3.37
CA ILE A 126 7.90 -10.44 4.70
C ILE A 126 8.35 -8.98 4.66
N VAL A 127 7.45 -8.08 5.04
CA VAL A 127 7.75 -6.65 5.02
C VAL A 127 8.03 -6.12 6.42
N VAL A 128 9.25 -5.65 6.63
CA VAL A 128 9.66 -5.07 7.90
C VAL A 128 10.15 -3.65 7.70
N PRO A 129 9.63 -2.70 8.49
CA PRO A 129 10.07 -1.30 8.43
C PRO A 129 11.59 -1.17 8.59
N PRO A 130 12.20 -0.23 7.87
CA PRO A 130 13.66 -0.07 7.81
C PRO A 130 14.30 0.20 9.18
N GLU A 131 13.53 0.72 10.12
CA GLU A 131 14.06 1.03 11.44
C GLU A 131 13.11 0.59 12.55
N VAL A 132 13.51 -0.45 13.27
CA VAL A 132 12.71 -0.97 14.39
C VAL A 132 13.33 -0.57 15.72
N VAL A 133 12.59 0.21 16.50
CA VAL A 133 13.10 0.72 17.77
C VAL A 133 12.29 0.14 18.94
N ALA A 134 12.98 -0.24 20.00
CA ALA A 134 12.33 -0.75 21.21
C ALA A 134 11.47 0.34 21.85
N GLY A 135 10.26 -0.05 22.27
CA GLY A 135 9.36 0.88 22.93
C GLY A 135 8.36 1.53 21.99
N THR A 136 8.47 1.25 20.70
CA THR A 136 7.54 1.78 19.72
C THR A 136 6.71 0.67 19.09
N GLU A 137 5.46 0.98 18.76
CA GLU A 137 4.59 0.02 18.09
C GLU A 137 5.07 -0.23 16.67
N VAL A 138 5.18 -1.51 16.31
CA VAL A 138 5.75 -1.90 15.03
C VAL A 138 4.79 -2.81 14.26
N GLU A 139 4.71 -2.62 12.95
CA GLU A 139 3.92 -3.51 12.10
C GLU A 139 4.81 -4.35 11.20
N VAL A 140 4.59 -5.67 11.23
CA VAL A 140 5.27 -6.59 10.33
C VAL A 140 4.22 -7.36 9.53
N SER A 141 4.42 -7.49 8.22
CA SER A 141 3.44 -8.13 7.37
C SER A 141 4.02 -9.25 6.51
N CYS A 142 3.23 -10.29 6.28
CA CYS A 142 3.58 -11.31 5.32
C CYS A 142 2.66 -11.23 4.11
N MET A 143 3.23 -10.96 2.95
CA MET A 143 2.46 -10.81 1.72
C MET A 143 2.69 -12.00 0.80
N VAL A 144 1.62 -12.43 0.12
CA VAL A 144 1.70 -13.58 -0.76
C VAL A 144 0.78 -13.39 -1.97
N PRO A 145 1.32 -13.66 -3.18
CA PRO A 145 0.54 -13.52 -4.41
C PRO A 145 -0.65 -14.46 -4.43
N ASP A 146 -1.77 -14.00 -4.98
CA ASP A 146 -3.00 -14.76 -4.94
C ASP A 146 -3.73 -14.67 -6.27
N ASN A 147 -3.05 -15.06 -7.34
CA ASN A 147 -3.58 -14.91 -8.69
C ASN A 147 -3.89 -16.26 -9.33
N CYS A 148 -4.01 -17.29 -8.51
CA CYS A 148 -4.37 -18.62 -8.98
C CYS A 148 -5.73 -19.03 -8.45
N PRO A 149 -6.73 -19.12 -9.34
CA PRO A 149 -8.11 -19.45 -8.98
C PRO A 149 -8.25 -20.87 -8.45
N GLU A 150 -7.46 -21.79 -8.99
CA GLU A 150 -7.56 -23.20 -8.63
C GLU A 150 -6.90 -23.53 -7.29
N LEU A 151 -5.87 -22.77 -6.93
CA LEU A 151 -5.10 -23.05 -5.71
C LEU A 151 -5.02 -21.79 -4.85
N ARG A 152 -5.58 -21.86 -3.65
CA ARG A 152 -5.55 -20.75 -2.70
C ARG A 152 -4.54 -20.98 -1.58
N PRO A 153 -3.64 -20.01 -1.38
CA PRO A 153 -2.57 -20.10 -0.36
C PRO A 153 -3.08 -19.91 1.06
N GLU A 154 -2.70 -20.82 1.95
CA GLU A 154 -2.99 -20.64 3.38
C GLU A 154 -1.78 -20.01 4.08
N LEU A 155 -2.01 -18.86 4.71
CA LEU A 155 -0.91 -18.10 5.30
C LEU A 155 -0.74 -18.38 6.78
N SER A 156 0.50 -18.54 7.22
CA SER A 156 0.80 -18.82 8.62
C SER A 156 2.17 -18.29 9.02
N TRP A 157 2.29 -17.88 10.27
CA TRP A 157 3.55 -17.34 10.79
C TRP A 157 4.38 -18.42 11.49
N LEU A 158 5.70 -18.22 11.50
CA LEU A 158 6.61 -19.13 12.16
C LEU A 158 7.48 -18.39 13.17
N GLY A 159 7.45 -18.84 14.42
CA GLY A 159 8.22 -18.21 15.48
C GLY A 159 7.74 -16.81 15.81
N HIS A 160 6.43 -16.70 16.03
CA HIS A 160 5.82 -15.40 16.32
C HIS A 160 5.24 -15.36 17.73
N GLU A 161 5.73 -16.25 18.58
CA GLU A 161 5.18 -16.43 19.93
C GLU A 161 5.26 -15.18 20.81
N GLY A 162 6.37 -14.46 20.71
CA GLY A 162 6.57 -13.29 21.56
C GLY A 162 6.02 -12.00 20.98
N LEU A 163 5.48 -12.08 19.76
CA LEU A 163 5.01 -10.89 19.06
C LEU A 163 3.49 -10.78 19.07
N GLY A 164 2.82 -11.73 19.72
CA GLY A 164 1.37 -11.72 19.80
C GLY A 164 0.69 -12.40 18.63
N GLU A 165 -0.63 -12.56 18.72
CA GLU A 165 -1.39 -13.24 17.67
C GLU A 165 -1.52 -12.38 16.42
N PRO A 166 -1.43 -13.01 15.24
CA PRO A 166 -1.53 -12.34 13.94
C PRO A 166 -2.94 -11.84 13.64
N THR A 167 -3.05 -10.84 12.77
CA THR A 167 -4.33 -10.36 12.28
C THR A 167 -4.40 -10.51 10.77
N VAL A 168 -5.21 -11.46 10.31
CA VAL A 168 -5.31 -11.75 8.89
C VAL A 168 -6.18 -10.73 8.16
N LEU A 169 -5.59 -10.04 7.19
CA LEU A 169 -6.33 -9.07 6.39
C LEU A 169 -7.09 -9.75 5.26
N GLY A 170 -6.59 -10.92 4.85
CA GLY A 170 -7.23 -11.69 3.79
C GLY A 170 -6.77 -11.27 2.40
N ARG A 171 -7.65 -11.47 1.43
CA ARG A 171 -7.35 -11.13 0.04
C ARG A 171 -7.47 -9.62 -0.19
N LEU A 172 -6.37 -8.99 -0.55
CA LEU A 172 -6.36 -7.55 -0.80
C LEU A 172 -6.02 -7.25 -2.25
N ARG A 173 -6.61 -6.18 -2.79
CA ARG A 173 -6.33 -5.77 -4.16
C ARG A 173 -5.15 -4.82 -4.20
N GLU A 174 -4.21 -5.07 -5.12
CA GLU A 174 -3.13 -4.14 -5.37
C GLU A 174 -3.35 -3.51 -6.74
N ASP A 175 -2.41 -2.66 -7.16
CA ASP A 175 -2.52 -1.98 -8.45
C ASP A 175 -2.54 -2.99 -9.59
N GLU A 176 -3.05 -2.55 -10.75
CA GLU A 176 -3.16 -3.37 -11.95
C GLU A 176 -4.16 -4.52 -11.81
N GLY A 177 -4.96 -4.49 -10.74
CA GLY A 177 -6.02 -5.46 -10.55
C GLY A 177 -5.58 -6.86 -10.22
N THR A 178 -4.42 -6.98 -9.58
CA THR A 178 -3.95 -8.28 -9.09
C THR A 178 -4.23 -8.41 -7.60
N TRP A 179 -4.09 -9.62 -7.06
CA TRP A 179 -4.48 -9.87 -5.68
C TRP A 179 -3.35 -10.45 -4.83
N VAL A 180 -3.39 -10.16 -3.54
CA VAL A 180 -2.42 -10.72 -2.59
C VAL A 180 -3.10 -11.19 -1.30
N GLN A 181 -2.45 -12.12 -0.60
CA GLN A 181 -2.87 -12.50 0.75
C GLN A 181 -1.94 -11.84 1.77
N VAL A 182 -2.53 -11.17 2.76
CA VAL A 182 -1.74 -10.42 3.74
C VAL A 182 -2.11 -10.76 5.18
N SER A 183 -1.09 -11.03 6.00
CA SER A 183 -1.26 -11.23 7.43
C SER A 183 -0.36 -10.25 8.18
N LEU A 184 -0.86 -9.72 9.31
CA LEU A 184 -0.14 -8.67 10.03
C LEU A 184 0.32 -9.08 11.42
N LEU A 185 1.35 -8.39 11.90
CA LEU A 185 1.78 -8.49 13.29
C LEU A 185 1.95 -7.09 13.86
N HIS A 186 1.16 -6.77 14.89
CA HIS A 186 1.29 -5.50 15.60
C HIS A 186 1.80 -5.74 17.00
N PHE A 187 2.95 -5.16 17.33
CA PHE A 187 3.56 -5.41 18.63
C PHE A 187 4.50 -4.28 19.04
N VAL A 188 4.76 -4.22 20.35
CA VAL A 188 5.79 -3.33 20.92
C VAL A 188 6.98 -4.16 21.37
N PRO A 189 8.05 -4.16 20.56
CA PRO A 189 9.22 -4.99 20.85
C PRO A 189 10.13 -4.41 21.93
N THR A 190 10.65 -5.29 22.78
CA THR A 190 11.67 -4.87 23.75
C THR A 190 13.05 -5.18 23.18
N ARG A 191 14.09 -4.94 23.98
CA ARG A 191 15.46 -5.24 23.54
C ARG A 191 15.66 -6.73 23.33
N GLU A 192 14.85 -7.53 24.00
CA GLU A 192 14.92 -8.98 23.90
C GLU A 192 14.49 -9.47 22.52
N ALA A 193 13.65 -8.68 21.86
CA ALA A 193 13.13 -9.05 20.54
C ALA A 193 14.17 -8.89 19.45
N ASN A 194 15.34 -8.36 19.80
CA ASN A 194 16.42 -8.19 18.83
C ASN A 194 16.99 -9.54 18.39
N GLY A 195 17.01 -9.76 17.07
CA GLY A 195 17.52 -10.99 16.52
C GLY A 195 16.47 -12.07 16.42
N HIS A 196 15.24 -11.75 16.84
CA HIS A 196 14.13 -12.69 16.79
C HIS A 196 13.87 -13.15 15.35
N ARG A 197 13.89 -14.46 15.14
CA ARG A 197 13.69 -15.01 13.81
C ARG A 197 12.21 -15.07 13.46
N LEU A 198 11.82 -14.32 12.43
CA LEU A 198 10.43 -14.30 11.98
C LEU A 198 10.27 -15.10 10.69
N GLY A 199 9.29 -16.00 10.68
CA GLY A 199 9.03 -16.83 9.53
C GLY A 199 7.58 -16.80 9.08
N CYS A 200 7.36 -16.95 7.78
CA CYS A 200 6.02 -17.03 7.23
C CYS A 200 5.92 -18.21 6.26
N GLN A 201 4.76 -18.87 6.26
CA GLN A 201 4.58 -20.06 5.43
C GLN A 201 3.35 -19.95 4.54
N ALA A 202 3.53 -20.28 3.27
CA ALA A 202 2.43 -20.32 2.32
C ALA A 202 2.20 -21.76 1.86
N ALA A 203 1.10 -22.36 2.33
CA ALA A 203 0.81 -23.75 2.00
C ALA A 203 -0.47 -23.87 1.16
N PHE A 204 -0.49 -24.85 0.26
CA PHE A 204 -1.64 -25.08 -0.60
C PHE A 204 -2.25 -26.46 -0.32
N PRO A 205 -3.53 -26.50 0.07
CA PRO A 205 -4.26 -27.74 0.35
C PRO A 205 -4.31 -28.67 -0.86
N ASN A 206 -4.33 -29.98 -0.64
CA ASN A 206 -4.47 -30.96 -1.72
C ASN A 206 -3.26 -30.94 -2.65
N THR A 207 -2.19 -30.29 -2.22
CA THR A 207 -0.90 -30.32 -2.92
C THR A 207 0.21 -30.67 -1.93
N THR A 208 1.44 -30.77 -2.45
CA THR A 208 2.61 -30.98 -1.59
C THR A 208 3.42 -29.70 -1.53
N LEU A 209 2.87 -28.64 -2.10
CA LEU A 209 3.53 -27.34 -2.18
C LEU A 209 3.51 -26.63 -0.83
N GLN A 210 4.69 -26.24 -0.36
CA GLN A 210 4.83 -25.54 0.91
C GLN A 210 6.03 -24.61 0.85
N PHE A 211 5.78 -23.31 0.97
CA PHE A 211 6.84 -22.32 0.80
C PHE A 211 7.09 -21.54 2.09
N GLU A 212 8.36 -21.41 2.46
CA GLU A 212 8.74 -20.75 3.69
C GLU A 212 9.74 -19.63 3.45
N GLY A 213 9.56 -18.53 4.19
CA GLY A 213 10.48 -17.40 4.12
C GLY A 213 10.77 -16.89 5.51
N TYR A 214 12.02 -16.49 5.75
CA TYR A 214 12.43 -16.07 7.08
C TYR A 214 13.12 -14.71 7.10
N ALA A 215 13.01 -14.01 8.23
CA ALA A 215 13.66 -12.72 8.42
C ALA A 215 14.01 -12.53 9.90
N SER A 216 15.05 -11.76 10.17
CA SER A 216 15.47 -11.52 11.55
C SER A 216 15.24 -10.06 11.94
N LEU A 217 14.56 -9.85 13.05
CA LEU A 217 14.24 -8.50 13.52
C LEU A 217 15.48 -7.78 14.05
N ASP A 218 15.78 -6.63 13.46
CA ASP A 218 16.84 -5.76 13.95
C ASP A 218 16.23 -4.70 14.85
N VAL A 219 16.23 -4.97 16.15
CA VAL A 219 15.60 -4.07 17.11
C VAL A 219 16.63 -3.16 17.78
N LYS A 220 16.50 -1.85 17.53
CA LYS A 220 17.37 -0.86 18.14
C LYS A 220 16.92 -0.55 19.56
N TYR A 221 17.88 -0.34 20.47
CA TYR A 221 17.56 -0.01 21.86
C TYR A 221 18.72 0.72 22.53
N PRO A 222 18.40 1.62 23.49
CA PRO A 222 19.40 2.43 24.20
C PRO A 222 20.32 1.59 25.08
N PRO A 223 21.49 2.13 25.45
CA PRO A 223 22.45 1.39 26.27
C PRO A 223 22.00 1.21 27.72
N VAL A 224 22.23 0.01 28.24
CA VAL A 224 22.07 -0.25 29.66
C VAL A 224 23.38 -0.79 30.21
N ILE A 225 24.04 0.00 31.04
CA ILE A 225 25.29 -0.42 31.66
C ILE A 225 25.04 -1.61 32.58
N VAL A 226 25.49 -2.78 32.15
CA VAL A 226 25.24 -4.02 32.88
C VAL A 226 26.48 -4.51 33.61
N GLU A 227 27.64 -4.06 33.16
CA GLU A 227 28.90 -4.43 33.80
C GLU A 227 29.56 -3.20 34.41
N MET A 228 29.70 -3.20 35.73
CA MET A 228 30.26 -2.06 36.45
C MET A 228 30.83 -2.48 37.79
N ASN A 229 32.04 -2.04 38.08
CA ASN A 229 32.70 -2.35 39.34
C ASN A 229 31.99 -1.71 40.53
N SER A 230 32.00 -2.41 41.67
CA SER A 230 31.52 -1.83 42.91
C SER A 230 32.59 -0.90 43.48
N SER A 231 32.39 -0.43 44.71
CA SER A 231 33.34 0.48 45.34
C SER A 231 34.74 -0.14 45.38
N VAL A 232 35.65 0.45 44.62
CA VAL A 232 37.00 -0.10 44.49
C VAL A 232 37.91 0.35 45.62
N GLU A 233 38.45 -0.62 46.36
CA GLU A 233 39.39 -0.35 47.43
C GLU A 233 40.75 -0.92 47.04
N ALA A 234 41.66 -0.03 46.67
CA ALA A 234 42.91 -0.44 46.04
C ALA A 234 44.13 -0.32 46.95
N ILE A 235 45.18 -1.06 46.60
CA ILE A 235 46.44 -1.03 47.32
C ILE A 235 47.35 0.03 46.73
N GLU A 236 48.08 0.74 47.60
CA GLU A 236 49.03 1.77 47.18
C GLU A 236 50.05 1.22 46.17
N GLY A 237 50.17 1.91 45.04
CA GLY A 237 51.16 1.55 44.03
C GLY A 237 50.75 0.40 43.12
N SER A 238 49.57 -0.16 43.37
CA SER A 238 49.10 -1.30 42.58
C SER A 238 48.53 -0.85 41.23
N HIS A 239 48.04 -1.82 40.46
CA HIS A 239 47.41 -1.54 39.18
C HIS A 239 45.90 -1.76 39.28
N VAL A 240 45.13 -0.77 38.83
CA VAL A 240 43.68 -0.86 38.90
C VAL A 240 43.03 -0.77 37.51
N SER A 241 42.28 -1.80 37.15
CA SER A 241 41.54 -1.81 35.90
C SER A 241 40.04 -1.70 36.17
N LEU A 242 39.44 -0.61 35.71
CA LEU A 242 38.00 -0.42 35.82
C LEU A 242 37.33 -0.82 34.51
N LEU A 243 36.27 -1.63 34.61
CA LEU A 243 35.58 -2.11 33.43
C LEU A 243 34.13 -1.63 33.37
N CYS A 244 33.77 -1.03 32.25
CA CYS A 244 32.38 -0.64 32.02
C CYS A 244 31.82 -1.36 30.80
N GLY A 245 30.85 -2.23 31.03
CA GLY A 245 30.18 -2.93 29.95
C GLY A 245 28.82 -2.33 29.68
N ALA A 246 28.38 -2.37 28.42
CA ALA A 246 27.11 -1.80 28.04
C ALA A 246 26.42 -2.62 26.95
N ASP A 247 25.11 -2.75 27.07
CA ASP A 247 24.32 -3.48 26.08
C ASP A 247 23.45 -2.51 25.28
N SER A 248 23.72 -2.40 23.99
CA SER A 248 22.92 -1.55 23.12
C SER A 248 23.01 -1.98 21.66
N ASN A 249 22.02 -1.56 20.88
CA ASN A 249 22.00 -1.78 19.44
C ASN A 249 21.58 -0.50 18.73
N PRO A 250 22.51 0.11 17.97
CA PRO A 250 23.87 -0.30 17.66
C PRO A 250 24.82 -0.20 18.86
N PRO A 251 26.00 -0.85 18.78
CA PRO A 251 27.01 -0.79 19.85
C PRO A 251 27.29 0.64 20.29
N PRO A 252 27.48 0.84 21.61
CA PRO A 252 27.53 2.18 22.21
C PRO A 252 28.90 2.82 22.17
N LEU A 253 28.93 4.13 22.38
CA LEU A 253 30.19 4.83 22.60
C LEU A 253 30.42 4.92 24.11
N LEU A 254 31.48 4.25 24.58
CA LEU A 254 31.78 4.24 26.01
C LEU A 254 32.80 5.33 26.35
N THR A 255 32.55 6.04 27.43
CA THR A 255 33.40 7.14 27.84
C THR A 255 33.73 7.11 29.32
N TRP A 256 35.02 6.99 29.64
CA TRP A 256 35.49 7.10 31.01
C TRP A 256 35.83 8.56 31.35
N MET A 257 35.26 9.07 32.44
CA MET A 257 35.48 10.47 32.80
C MET A 257 35.73 10.68 34.28
N ARG A 258 36.53 11.70 34.58
CA ARG A 258 36.72 12.17 35.94
C ARG A 258 37.04 13.65 35.92
N ASP A 259 36.44 14.40 36.83
CA ASP A 259 36.62 15.85 36.94
C ASP A 259 36.27 16.56 35.63
N GLY A 260 35.26 16.06 34.94
CA GLY A 260 34.82 16.64 33.69
C GLY A 260 35.81 16.44 32.56
N MET A 261 36.71 15.47 32.72
CA MET A 261 37.74 15.21 31.73
C MET A 261 37.64 13.78 31.20
N VAL A 262 37.63 13.64 29.87
CA VAL A 262 37.55 12.33 29.25
C VAL A 262 38.88 11.58 29.37
N LEU A 263 38.86 10.45 30.06
CA LEU A 263 40.08 9.66 30.26
C LEU A 263 40.27 8.66 29.13
N ARG A 264 39.18 8.03 28.69
CA ARG A 264 39.24 7.11 27.57
C ARG A 264 37.88 7.03 26.88
N GLU A 265 37.90 6.80 25.57
CA GLU A 265 36.68 6.81 24.75
C GLU A 265 36.79 5.82 23.60
N ALA A 266 35.75 5.01 23.42
CA ALA A 266 35.74 4.01 22.35
C ALA A 266 34.33 3.49 22.05
N VAL A 267 34.08 3.18 20.78
CA VAL A 267 32.84 2.54 20.38
C VAL A 267 32.98 1.03 20.54
N ALA A 268 32.48 0.50 21.65
CA ALA A 268 32.58 -0.92 21.95
C ALA A 268 31.55 -1.34 22.98
N LYS A 269 31.48 -2.64 23.24
CA LYS A 269 30.53 -3.19 24.20
C LYS A 269 31.08 -3.08 25.62
N SER A 270 32.40 -3.12 25.75
CA SER A 270 33.06 -2.97 27.03
C SER A 270 34.31 -2.10 26.90
N LEU A 271 34.62 -1.32 27.92
CA LEU A 271 35.78 -0.43 27.89
C LEU A 271 36.53 -0.42 29.21
N TYR A 272 37.82 -0.72 29.15
CA TYR A 272 38.66 -0.75 30.34
C TYR A 272 39.32 0.61 30.60
N LEU A 273 39.35 0.99 31.87
CA LEU A 273 40.12 2.15 32.29
C LEU A 273 41.27 1.69 33.18
N ASP A 274 42.48 1.77 32.66
CA ASP A 274 43.66 1.26 33.37
C ASP A 274 44.38 2.36 34.14
N LEU A 275 44.54 2.13 35.45
CA LEU A 275 45.27 3.05 36.31
C LEU A 275 46.50 2.35 36.89
N GLU A 276 47.68 2.89 36.59
CA GLU A 276 48.93 2.30 37.07
C GLU A 276 49.57 3.13 38.17
N GLU A 277 50.27 2.46 39.08
CA GLU A 277 50.88 3.09 40.24
C GLU A 277 49.89 3.99 40.97
N VAL A 278 48.80 3.38 41.44
CA VAL A 278 47.69 4.13 42.03
C VAL A 278 48.11 4.84 43.32
N THR A 279 47.91 6.16 43.33
CA THR A 279 48.25 7.00 44.47
C THR A 279 46.97 7.60 45.06
N PRO A 280 47.04 8.13 46.29
CA PRO A 280 45.89 8.84 46.88
C PRO A 280 45.37 9.98 46.00
N GLY A 281 46.19 10.44 45.05
CA GLY A 281 45.77 11.46 44.12
C GLY A 281 44.80 10.91 43.09
N GLU A 282 44.73 9.59 42.98
CA GLU A 282 43.82 8.95 42.06
C GLU A 282 42.46 8.70 42.72
N ASP A 283 42.36 9.03 44.00
CA ASP A 283 41.11 8.94 44.73
C ASP A 283 40.07 9.85 44.12
N GLY A 284 38.82 9.39 44.07
CA GLY A 284 37.75 10.17 43.52
C GLY A 284 36.68 9.32 42.85
N VAL A 285 35.69 9.98 42.27
CA VAL A 285 34.59 9.28 41.61
C VAL A 285 34.81 9.24 40.10
N TYR A 286 34.78 8.03 39.56
CA TYR A 286 34.94 7.83 38.11
C TYR A 286 33.59 7.51 37.48
N ALA A 287 33.32 8.15 36.34
CA ALA A 287 32.04 7.98 35.67
C ALA A 287 32.19 7.31 34.31
N CYS A 288 31.31 6.35 34.03
CA CYS A 288 31.27 5.71 32.72
C CYS A 288 29.99 6.09 31.99
N LEU A 289 30.14 6.70 30.82
CA LEU A 289 29.00 7.13 30.03
C LEU A 289 28.82 6.23 28.82
N ALA A 290 27.60 5.73 28.63
CA ALA A 290 27.27 4.90 27.47
C ALA A 290 26.12 5.52 26.70
N GLU A 291 26.31 5.74 25.40
CA GLU A 291 25.26 6.34 24.58
C GLU A 291 25.32 5.91 23.12
N ASN A 292 24.14 5.77 22.51
CA ASN A 292 24.04 5.56 21.08
C ASN A 292 23.01 6.52 20.49
N ALA A 293 22.51 6.20 19.30
CA ALA A 293 21.57 7.08 18.61
C ALA A 293 20.17 7.04 19.21
N TYR A 294 19.96 6.20 20.22
CA TYR A 294 18.62 5.99 20.75
C TYR A 294 18.51 6.21 22.26
N GLY A 295 19.60 6.63 22.89
CA GLY A 295 19.58 6.89 24.32
C GLY A 295 20.93 6.85 24.99
N GLN A 296 20.92 6.90 26.31
CA GLN A 296 22.16 6.94 27.07
C GLN A 296 21.98 6.38 28.48
N ASP A 297 23.09 5.95 29.08
CA ASP A 297 23.10 5.50 30.46
C ASP A 297 24.45 5.83 31.09
N ASN A 298 24.47 6.02 32.40
CA ASN A 298 25.71 6.34 33.08
C ASN A 298 25.75 5.86 34.52
N ARG A 299 26.91 5.38 34.94
CA ARG A 299 27.12 4.96 36.32
C ARG A 299 28.42 5.53 36.86
N THR A 300 28.52 5.58 38.19
CA THR A 300 29.72 6.08 38.83
C THR A 300 30.33 5.03 39.75
N VAL A 301 31.64 5.11 39.93
CA VAL A 301 32.34 4.22 40.86
C VAL A 301 33.37 5.01 41.64
N GLU A 302 33.38 4.84 42.96
CA GLU A 302 34.35 5.53 43.80
C GLU A 302 35.61 4.70 43.96
N LEU A 303 36.75 5.30 43.65
CA LEU A 303 38.05 4.65 43.84
C LEU A 303 38.69 5.12 45.14
N SER A 304 39.05 4.16 45.98
CA SER A 304 39.67 4.49 47.27
C SER A 304 40.99 3.74 47.46
N VAL A 305 42.08 4.49 47.48
CA VAL A 305 43.39 3.93 47.79
C VAL A 305 43.58 3.91 49.30
N MET A 306 43.11 2.85 49.94
CA MET A 306 43.10 2.80 51.40
C MET A 306 44.03 1.74 51.98
N TYR A 307 44.76 1.04 51.11
CA TYR A 307 45.71 0.04 51.56
C TYR A 307 47.15 0.48 51.29
N ALA A 308 47.91 0.68 52.36
CA ALA A 308 49.30 1.08 52.25
C ALA A 308 50.15 -0.04 51.65
N ALA A 309 51.11 0.33 50.81
CA ALA A 309 51.99 -0.63 50.18
C ALA A 309 53.06 -1.10 51.15
N ALA A 310 53.26 -2.41 51.22
CA ALA A 310 54.32 -2.98 52.05
C ALA A 310 55.67 -2.74 51.40
N ALA A 311 56.71 -2.63 52.22
CA ALA A 311 58.07 -2.51 51.71
C ALA A 311 58.45 -3.78 50.97
N HIS A 312 59.34 -3.67 49.99
CA HIS A 312 59.69 -4.82 49.17
C HIS A 312 61.21 -4.94 48.99
N HIS A 313 61.87 -5.43 50.03
CA HIS A 313 63.31 -5.68 49.96
C HIS A 313 63.60 -7.16 50.02
N HIS A 314 64.40 -7.64 49.06
CA HIS A 314 64.74 -9.05 48.99
C HIS A 314 66.23 -9.25 48.74
N GLY B 3 27.76 9.20 15.17
CA GLY B 3 26.75 10.17 15.56
C GLY B 3 26.89 11.47 14.82
N HIS B 4 25.77 12.18 14.67
CA HIS B 4 25.73 13.43 13.91
C HIS B 4 24.46 14.20 14.18
N TRP B 5 24.41 15.45 13.74
CA TRP B 5 23.19 16.24 13.81
C TRP B 5 22.17 15.72 12.80
N GLY B 6 21.05 15.23 13.30
CA GLY B 6 20.00 14.72 12.44
C GLY B 6 18.76 14.31 13.21
N ALA B 7 17.62 14.41 12.56
CA ALA B 7 16.35 14.03 13.18
C ALA B 7 15.53 13.15 12.26
N TRP B 8 14.70 12.30 12.84
N TRP B 8 14.74 12.26 12.85
CA TRP B 8 13.83 11.42 12.06
CA TRP B 8 13.82 11.43 12.10
C TRP B 8 12.37 11.81 12.25
C TRP B 8 12.40 11.96 12.29
N MET B 9 11.74 12.29 11.18
CA MET B 9 10.41 12.85 11.24
C MET B 9 9.65 12.60 9.94
N PRO B 10 8.38 12.18 10.05
CA PRO B 10 7.57 12.00 8.85
C PRO B 10 7.41 13.32 8.08
N SER B 11 7.80 13.32 6.81
CA SER B 11 7.78 14.52 6.00
C SER B 11 6.38 15.15 5.94
N THR B 12 5.37 14.30 5.80
CA THR B 12 3.98 14.75 5.78
C THR B 12 3.13 13.90 6.70
N ILE B 13 2.22 14.54 7.43
CA ILE B 13 1.34 13.83 8.34
C ILE B 13 -0.05 14.48 8.35
N SER B 14 -1.09 13.64 8.38
CA SER B 14 -2.46 14.14 8.28
C SER B 14 -3.30 13.87 9.51
N ALA B 15 -4.33 14.69 9.70
CA ALA B 15 -5.28 14.51 10.79
C ALA B 15 -6.53 15.37 10.55
N PHE B 16 -7.65 14.92 11.10
CA PHE B 16 -8.90 15.65 10.97
C PHE B 16 -8.93 16.90 11.82
N GLU B 17 -9.67 17.92 11.37
CA GLU B 17 -9.86 19.13 12.13
C GLU B 17 -10.66 18.84 13.40
N GLY B 18 -10.18 19.33 14.53
CA GLY B 18 -10.85 19.11 15.80
C GLY B 18 -10.31 17.91 16.55
N THR B 19 -9.48 17.13 15.89
CA THR B 19 -8.85 15.97 16.51
C THR B 19 -7.49 16.33 17.08
N CYS B 20 -6.57 15.37 17.09
CA CYS B 20 -5.23 15.60 17.61
C CYS B 20 -4.16 14.96 16.72
N VAL B 21 -2.95 15.51 16.76
CA VAL B 21 -1.82 14.93 16.05
C VAL B 21 -0.68 14.60 16.99
N SER B 22 -0.20 13.36 16.92
CA SER B 22 1.07 13.00 17.54
C SER B 22 2.12 12.83 16.45
N ILE B 23 3.14 13.67 16.48
CA ILE B 23 4.21 13.61 15.49
C ILE B 23 5.39 12.82 16.04
N PRO B 24 5.56 11.59 15.57
CA PRO B 24 6.67 10.71 16.01
C PRO B 24 8.01 11.33 15.63
N CYS B 25 8.85 11.61 16.61
CA CYS B 25 10.09 12.32 16.35
C CYS B 25 11.27 11.83 17.18
N ARG B 26 12.36 11.51 16.51
N ARG B 26 12.35 11.50 16.50
CA ARG B 26 13.61 11.19 17.21
CA ARG B 26 13.61 11.18 17.14
C ARG B 26 14.77 11.93 16.56
C ARG B 26 14.68 12.13 16.62
N PHE B 27 15.78 12.26 17.37
CA PHE B 27 16.89 13.07 16.90
C PHE B 27 18.22 12.55 17.43
N ASP B 28 19.30 12.99 16.80
CA ASP B 28 20.64 12.59 17.22
C ASP B 28 21.58 13.79 17.17
N PHE B 29 22.72 13.65 17.85
CA PHE B 29 23.72 14.72 17.90
C PHE B 29 25.10 14.11 18.07
N PRO B 30 26.16 14.85 17.70
CA PRO B 30 27.53 14.35 17.82
C PRO B 30 27.86 13.79 19.20
N ASP B 31 28.46 12.59 19.21
CA ASP B 31 28.70 11.85 20.44
C ASP B 31 29.60 12.59 21.41
N GLU B 32 30.47 13.45 20.90
CA GLU B 32 31.40 14.20 21.73
C GLU B 32 30.68 15.14 22.68
N LEU B 33 29.45 15.52 22.33
CA LEU B 33 28.64 16.37 23.19
C LEU B 33 28.05 15.57 24.34
N ARG B 34 28.19 16.10 25.55
CA ARG B 34 27.67 15.43 26.74
C ARG B 34 26.98 16.43 27.68
N PRO B 35 25.78 16.89 27.30
CA PRO B 35 25.05 17.89 28.09
C PRO B 35 24.43 17.29 29.35
N ALA B 36 24.21 18.13 30.35
CA ALA B 36 23.58 17.70 31.59
C ALA B 36 22.09 17.44 31.35
N VAL B 37 21.38 18.48 30.92
CA VAL B 37 19.96 18.37 30.61
C VAL B 37 19.69 18.80 29.18
N VAL B 38 19.05 17.94 28.40
CA VAL B 38 18.77 18.23 26.99
C VAL B 38 17.44 18.93 26.82
N HIS B 39 17.47 20.13 26.24
CA HIS B 39 16.27 20.89 25.96
C HIS B 39 15.98 20.92 24.46
N GLY B 40 14.82 21.45 24.10
CA GLY B 40 14.41 21.51 22.71
C GLY B 40 13.22 22.43 22.49
N VAL B 41 13.11 22.96 21.28
CA VAL B 41 12.00 23.86 20.95
C VAL B 41 11.35 23.47 19.63
N TRP B 42 10.02 23.44 19.61
CA TRP B 42 9.28 23.22 18.38
C TRP B 42 8.87 24.56 17.76
N TYR B 43 9.18 24.73 16.47
CA TYR B 43 8.84 25.96 15.77
C TYR B 43 7.75 25.73 14.72
N PHE B 44 7.12 26.82 14.29
CA PHE B 44 6.05 26.73 13.31
C PHE B 44 6.38 27.55 12.06
N ASN B 45 6.37 26.87 10.90
CA ASN B 45 6.59 27.48 9.59
C ASN B 45 7.96 28.10 9.35
N SER B 46 8.82 28.11 10.37
CA SER B 46 10.16 28.66 10.22
C SER B 46 11.19 27.91 11.06
N PRO B 47 12.36 27.63 10.47
CA PRO B 47 13.46 26.95 11.17
C PRO B 47 14.40 27.91 11.89
N TYR B 48 14.38 29.19 11.51
CA TYR B 48 15.32 30.16 12.05
C TYR B 48 14.76 30.90 13.26
N PRO B 49 15.52 30.91 14.37
CA PRO B 49 15.13 31.56 15.61
C PRO B 49 15.09 33.09 15.49
N LYS B 50 15.84 33.62 14.53
CA LYS B 50 15.93 35.07 14.34
C LYS B 50 14.60 35.66 13.83
N ASN B 51 13.83 34.83 13.12
CA ASN B 51 12.54 35.26 12.60
C ASN B 51 11.47 35.27 13.69
N TYR B 52 11.84 34.78 14.86
CA TYR B 52 10.93 34.61 15.99
C TYR B 52 9.63 33.91 15.58
N PRO B 53 9.73 32.65 15.11
CA PRO B 53 8.53 31.93 14.69
C PRO B 53 7.70 31.53 15.91
N PRO B 54 6.42 31.20 15.69
CA PRO B 54 5.56 30.72 16.77
C PRO B 54 6.17 29.53 17.49
N VAL B 55 6.55 29.71 18.75
CA VAL B 55 7.08 28.60 19.54
C VAL B 55 5.93 27.68 19.93
N VAL B 56 5.82 26.55 19.24
CA VAL B 56 4.79 25.57 19.52
C VAL B 56 5.00 25.00 20.91
N PHE B 57 6.25 24.62 21.18
CA PHE B 57 6.62 24.10 22.48
C PHE B 57 8.04 24.53 22.86
N LYS B 58 8.21 24.89 24.14
CA LYS B 58 9.55 25.19 24.65
C LYS B 58 9.78 24.37 25.92
N SER B 59 10.89 23.65 25.96
CA SER B 59 11.15 22.71 27.04
C SER B 59 11.41 23.39 28.37
N ARG B 60 11.97 24.60 28.32
CA ARG B 60 12.33 25.33 29.54
C ARG B 60 11.10 25.71 30.35
N THR B 61 10.19 26.48 29.76
CA THR B 61 8.96 26.87 30.43
C THR B 61 7.78 26.89 29.47
N GLN B 62 6.61 27.29 29.98
CA GLN B 62 5.40 27.33 29.17
C GLN B 62 5.33 28.61 28.34
N VAL B 63 6.25 28.71 27.38
CA VAL B 63 6.38 29.91 26.55
C VAL B 63 5.51 29.79 25.30
N VAL B 64 4.54 28.88 25.35
CA VAL B 64 3.68 28.61 24.20
C VAL B 64 3.03 29.90 23.67
N HIS B 65 3.16 30.10 22.37
CA HIS B 65 2.83 31.38 21.75
C HIS B 65 2.05 31.18 20.45
N GLU B 66 1.36 32.23 20.00
CA GLU B 66 0.62 32.22 18.74
C GLU B 66 -0.49 31.16 18.71
N SER B 67 -1.28 31.12 19.78
CA SER B 67 -2.49 30.29 19.88
C SER B 67 -2.20 28.78 19.92
N PHE B 68 -0.97 28.40 20.22
CA PHE B 68 -0.65 26.99 20.45
C PHE B 68 -0.86 26.64 21.92
N GLN B 69 -1.22 27.64 22.72
CA GLN B 69 -1.37 27.49 24.16
C GLN B 69 -2.39 26.44 24.54
N GLY B 70 -2.02 25.55 25.45
CA GLY B 70 -2.88 24.46 25.88
C GLY B 70 -2.93 23.31 24.88
N ARG B 71 -2.89 23.67 23.59
CA ARG B 71 -2.96 22.68 22.52
C ARG B 71 -1.69 21.83 22.46
N SER B 72 -0.54 22.48 22.60
CA SER B 72 0.73 21.80 22.43
C SER B 72 1.12 21.00 23.67
N ARG B 73 1.77 19.86 23.45
CA ARG B 73 2.26 19.03 24.53
C ARG B 73 3.40 18.13 24.03
N LEU B 74 4.49 18.09 24.77
CA LEU B 74 5.61 17.22 24.40
C LEU B 74 5.45 15.85 25.02
N LEU B 75 5.72 14.82 24.23
CA LEU B 75 5.64 13.45 24.69
C LEU B 75 6.99 12.77 24.53
N GLY B 76 7.41 12.03 25.56
CA GLY B 76 8.73 11.42 25.57
C GLY B 76 9.79 12.41 25.98
N ASP B 77 10.78 11.95 26.73
CA ASP B 77 11.83 12.82 27.24
C ASP B 77 12.87 13.13 26.15
N LEU B 78 13.36 14.37 26.16
CA LEU B 78 14.36 14.82 25.20
C LEU B 78 15.71 14.17 25.50
N GLY B 79 15.93 13.85 26.76
CA GLY B 79 17.14 13.14 27.16
C GLY B 79 17.13 11.73 26.61
N LEU B 80 15.92 11.22 26.37
CA LEU B 80 15.75 9.90 25.76
C LEU B 80 15.68 10.00 24.25
N ARG B 81 16.17 11.12 23.71
CA ARG B 81 16.18 11.38 22.27
C ARG B 81 14.78 11.35 21.66
N ASN B 82 13.77 11.56 22.49
CA ASN B 82 12.39 11.44 22.04
C ASN B 82 11.67 12.79 22.03
N CYS B 83 11.53 13.37 20.84
CA CYS B 83 10.93 14.70 20.70
C CYS B 83 9.54 14.63 20.09
N THR B 84 8.81 13.55 20.37
CA THR B 84 7.45 13.38 19.87
C THR B 84 6.54 14.49 20.37
N LEU B 85 5.87 15.16 19.42
CA LEU B 85 5.01 16.30 19.75
C LEU B 85 3.53 15.99 19.56
N LEU B 86 2.72 16.41 20.53
CA LEU B 86 1.27 16.22 20.44
C LEU B 86 0.56 17.57 20.31
N LEU B 87 -0.32 17.67 19.32
CA LEU B 87 -1.15 18.85 19.12
C LEU B 87 -2.61 18.45 19.25
N SER B 88 -3.42 19.26 19.94
CA SER B 88 -4.82 18.91 20.17
C SER B 88 -5.78 20.03 19.75
N THR B 89 -7.04 19.64 19.53
CA THR B 89 -8.10 20.55 19.09
C THR B 89 -7.65 21.37 17.88
N LEU B 90 -7.37 20.67 16.79
CA LEU B 90 -6.77 21.28 15.61
C LEU B 90 -7.71 22.21 14.85
N SER B 91 -7.11 23.05 14.02
CA SER B 91 -7.83 23.99 13.17
C SER B 91 -6.92 24.35 12.00
N PRO B 92 -7.51 24.66 10.83
CA PRO B 92 -6.77 24.92 9.59
C PRO B 92 -5.60 25.90 9.75
N GLU B 93 -5.67 26.76 10.76
CA GLU B 93 -4.60 27.69 11.06
C GLU B 93 -3.29 26.99 11.40
N LEU B 94 -3.38 25.79 11.97
CA LEU B 94 -2.20 25.07 12.43
C LEU B 94 -1.60 24.18 11.33
N GLY B 95 -2.11 24.32 10.12
CA GLY B 95 -1.60 23.54 9.00
C GLY B 95 -0.39 24.19 8.36
N GLY B 96 0.79 23.63 8.63
CA GLY B 96 2.02 24.17 8.08
C GLY B 96 3.25 23.33 8.40
N LYS B 97 4.41 23.99 8.42
CA LYS B 97 5.67 23.32 8.68
C LYS B 97 6.01 23.32 10.17
N TYR B 98 6.49 22.18 10.66
CA TYR B 98 6.91 22.07 12.05
C TYR B 98 8.38 21.67 12.16
N TYR B 99 9.16 22.51 12.84
CA TYR B 99 10.59 22.29 12.99
C TYR B 99 10.95 22.03 14.46
N PHE B 100 11.79 21.04 14.69
CA PHE B 100 12.32 20.80 16.04
C PHE B 100 13.75 21.30 16.12
N ARG B 101 14.05 22.07 17.17
CA ARG B 101 15.38 22.59 17.39
C ARG B 101 16.00 22.03 18.66
N GLY B 102 17.15 21.39 18.53
CA GLY B 102 17.82 20.80 19.68
C GLY B 102 18.58 21.82 20.50
N ASP B 103 18.58 21.64 21.82
CA ASP B 103 19.31 22.52 22.72
C ASP B 103 20.17 21.67 23.66
N LEU B 104 21.48 21.74 23.45
CA LEU B 104 22.41 20.95 24.24
C LEU B 104 23.54 21.81 24.83
N GLY B 105 23.16 22.87 25.53
CA GLY B 105 24.13 23.77 26.11
C GLY B 105 24.10 25.12 25.44
N GLY B 106 25.12 25.94 25.72
CA GLY B 106 25.19 27.29 25.19
C GLY B 106 25.28 27.37 23.68
N TYR B 107 26.31 26.75 23.11
CA TYR B 107 26.58 26.87 21.68
C TYR B 107 25.97 25.74 20.85
N ASN B 108 25.58 24.66 21.52
CA ASN B 108 25.04 23.50 20.80
C ASN B 108 23.54 23.58 20.59
N GLN B 109 23.12 24.54 19.76
CA GLN B 109 21.74 24.67 19.35
C GLN B 109 21.63 24.38 17.85
N TYR B 110 20.61 23.63 17.45
CA TYR B 110 20.52 23.17 16.07
C TYR B 110 19.11 22.85 15.64
N THR B 111 18.64 23.53 14.59
CA THR B 111 17.36 23.21 13.98
C THR B 111 17.57 22.19 12.87
N PHE B 112 16.98 21.02 13.02
CA PHE B 112 17.17 19.93 12.07
C PHE B 112 16.46 20.20 10.75
N SER B 113 17.09 19.79 9.65
CA SER B 113 16.53 20.01 8.32
C SER B 113 15.31 19.12 8.08
N GLU B 114 15.29 17.96 8.73
CA GLU B 114 14.15 17.06 8.61
C GLU B 114 12.96 17.60 9.39
N HIS B 115 12.00 18.20 8.67
CA HIS B 115 10.82 18.76 9.30
C HIS B 115 9.57 18.01 8.90
N SER B 116 8.43 18.40 9.46
CA SER B 116 7.16 17.74 9.17
C SER B 116 6.11 18.73 8.70
N VAL B 117 5.29 18.30 7.74
CA VAL B 117 4.21 19.12 7.24
C VAL B 117 2.87 18.57 7.73
N LEU B 118 2.17 19.35 8.56
CA LEU B 118 0.88 18.94 9.08
C LEU B 118 -0.24 19.29 8.11
N ASP B 119 -0.86 18.27 7.53
CA ASP B 119 -1.95 18.46 6.59
C ASP B 119 -3.29 18.12 7.23
N ILE B 120 -4.12 19.14 7.48
CA ILE B 120 -5.40 18.95 8.15
C ILE B 120 -6.53 18.75 7.14
N VAL B 121 -7.23 17.63 7.27
CA VAL B 121 -8.27 17.26 6.31
C VAL B 121 -9.66 17.28 6.95
N ASN B 122 -10.69 17.15 6.11
CA ASN B 122 -12.07 17.15 6.59
C ASN B 122 -12.93 16.12 5.87
N THR B 123 -12.30 15.23 5.10
CA THR B 123 -13.02 14.21 4.37
C THR B 123 -12.19 12.94 4.21
N PRO B 124 -12.85 11.77 4.32
CA PRO B 124 -12.19 10.47 4.18
C PRO B 124 -11.73 10.21 2.74
N ASN B 125 -10.79 9.27 2.60
CA ASN B 125 -10.32 8.86 1.27
C ASN B 125 -11.05 7.61 0.79
N ILE B 126 -11.69 7.71 -0.37
CA ILE B 126 -12.32 6.56 -1.00
C ILE B 126 -11.57 6.16 -2.26
N VAL B 127 -10.99 4.96 -2.25
CA VAL B 127 -10.21 4.49 -3.39
C VAL B 127 -11.01 3.54 -4.27
N VAL B 128 -11.32 4.01 -5.48
CA VAL B 128 -12.03 3.21 -6.46
C VAL B 128 -11.14 2.93 -7.66
N PRO B 129 -11.04 1.66 -8.06
CA PRO B 129 -10.23 1.30 -9.24
C PRO B 129 -10.72 2.00 -10.50
N PRO B 130 -9.79 2.40 -11.38
CA PRO B 130 -10.09 3.18 -12.59
C PRO B 130 -11.11 2.50 -13.49
N GLU B 131 -11.14 1.17 -13.49
CA GLU B 131 -12.10 0.42 -14.29
C GLU B 131 -12.87 -0.58 -13.43
N VAL B 132 -14.19 -0.37 -13.35
CA VAL B 132 -15.07 -1.30 -12.66
C VAL B 132 -16.01 -1.96 -13.66
N VAL B 133 -15.97 -3.28 -13.70
CA VAL B 133 -16.75 -4.05 -14.67
C VAL B 133 -17.73 -4.99 -13.99
N ALA B 134 -18.95 -5.07 -14.55
CA ALA B 134 -19.93 -6.03 -14.07
C ALA B 134 -19.43 -7.45 -14.32
N GLY B 135 -19.62 -8.31 -13.32
CA GLY B 135 -19.20 -9.70 -13.43
C GLY B 135 -17.77 -9.94 -12.98
N THR B 136 -17.10 -8.86 -12.58
CA THR B 136 -15.73 -8.96 -12.08
C THR B 136 -15.68 -8.56 -10.61
N GLU B 137 -14.85 -9.26 -9.83
CA GLU B 137 -14.69 -8.94 -8.42
C GLU B 137 -13.93 -7.63 -8.24
N VAL B 138 -14.48 -6.73 -7.45
CA VAL B 138 -13.92 -5.40 -7.27
C VAL B 138 -13.66 -5.10 -5.79
N GLU B 139 -12.62 -4.33 -5.50
CA GLU B 139 -12.35 -3.88 -4.15
C GLU B 139 -12.46 -2.36 -4.04
N VAL B 140 -13.24 -1.89 -3.08
CA VAL B 140 -13.34 -0.47 -2.77
C VAL B 140 -12.89 -0.23 -1.33
N SER B 141 -12.05 0.78 -1.12
CA SER B 141 -11.50 1.03 0.20
C SER B 141 -11.82 2.43 0.70
N CYS B 142 -11.97 2.56 2.01
CA CYS B 142 -12.07 3.87 2.65
C CYS B 142 -10.89 4.08 3.58
N MET B 143 -10.08 5.09 3.29
CA MET B 143 -8.89 5.36 4.08
C MET B 143 -9.03 6.64 4.89
N VAL B 144 -8.57 6.60 6.13
CA VAL B 144 -8.64 7.74 7.04
C VAL B 144 -7.40 7.77 7.92
N PRO B 145 -6.79 8.96 8.06
CA PRO B 145 -5.60 9.11 8.92
C PRO B 145 -5.92 8.78 10.38
N ASP B 146 -5.05 8.00 11.01
CA ASP B 146 -5.25 7.61 12.40
C ASP B 146 -4.02 7.94 13.24
N ASN B 147 -3.70 9.22 13.36
CA ASN B 147 -2.52 9.66 14.09
C ASN B 147 -2.89 10.36 15.40
N CYS B 148 -4.09 10.07 15.89
CA CYS B 148 -4.57 10.62 17.16
C CYS B 148 -4.75 9.52 18.20
N PRO B 149 -3.94 9.54 19.26
CA PRO B 149 -4.03 8.58 20.37
C PRO B 149 -5.36 8.67 21.12
N GLU B 150 -5.81 9.90 21.33
CA GLU B 150 -6.97 10.19 22.16
C GLU B 150 -8.29 9.98 21.41
N LEU B 151 -8.28 10.20 20.09
CA LEU B 151 -9.50 10.07 19.30
C LEU B 151 -9.31 9.11 18.13
N ARG B 152 -9.82 7.89 18.29
CA ARG B 152 -9.72 6.88 17.24
C ARG B 152 -10.97 6.88 16.38
N PRO B 153 -10.78 6.89 15.06
CA PRO B 153 -11.88 6.95 14.09
C PRO B 153 -12.61 5.61 13.91
N GLU B 154 -13.93 5.68 13.83
CA GLU B 154 -14.73 4.51 13.49
C GLU B 154 -15.30 4.65 12.09
N LEU B 155 -14.76 3.88 11.15
CA LEU B 155 -15.19 3.95 9.75
C LEU B 155 -16.49 3.19 9.52
N SER B 156 -17.44 3.85 8.86
CA SER B 156 -18.70 3.24 8.48
C SER B 156 -19.04 3.59 7.04
N TRP B 157 -19.62 2.64 6.32
CA TRP B 157 -19.96 2.85 4.92
C TRP B 157 -21.38 3.37 4.75
N LEU B 158 -21.57 4.20 3.72
CA LEU B 158 -22.87 4.78 3.43
C LEU B 158 -23.35 4.34 2.05
N GLY B 159 -24.59 3.85 1.98
CA GLY B 159 -25.17 3.42 0.72
C GLY B 159 -24.44 2.25 0.10
N HIS B 160 -24.25 1.19 0.89
CA HIS B 160 -23.55 -0.01 0.42
C HIS B 160 -24.46 -1.22 0.46
N GLU B 161 -25.77 -0.97 0.53
CA GLU B 161 -26.77 -2.02 0.75
C GLU B 161 -26.70 -3.14 -0.30
N GLY B 162 -26.43 -2.78 -1.55
CA GLY B 162 -26.39 -3.76 -2.62
C GLY B 162 -25.01 -4.34 -2.83
N LEU B 163 -23.99 -3.63 -2.36
CA LEU B 163 -22.61 -4.04 -2.56
C LEU B 163 -22.21 -5.18 -1.63
N GLY B 164 -22.63 -5.10 -0.37
CA GLY B 164 -22.32 -6.14 0.60
C GLY B 164 -21.82 -5.60 1.91
N GLU B 165 -21.35 -6.50 2.78
CA GLU B 165 -20.89 -6.11 4.11
C GLU B 165 -19.38 -5.88 4.13
N PRO B 166 -18.96 -4.75 4.74
CA PRO B 166 -17.55 -4.33 4.78
C PRO B 166 -16.71 -5.14 5.75
N THR B 167 -15.40 -5.18 5.50
CA THR B 167 -14.46 -5.82 6.40
C THR B 167 -13.45 -4.79 6.91
N VAL B 168 -13.56 -4.44 8.18
CA VAL B 168 -12.68 -3.45 8.78
C VAL B 168 -11.27 -4.00 8.97
N LEU B 169 -10.32 -3.48 8.20
CA LEU B 169 -8.93 -3.88 8.34
C LEU B 169 -8.34 -3.29 9.63
N GLY B 170 -8.71 -2.05 9.92
CA GLY B 170 -8.30 -1.40 11.14
C GLY B 170 -7.10 -0.50 11.01
N ARG B 171 -6.27 -0.48 12.05
CA ARG B 171 -5.08 0.37 12.11
C ARG B 171 -3.96 -0.18 11.25
N LEU B 172 -3.59 0.55 10.20
CA LEU B 172 -2.53 0.12 9.30
C LEU B 172 -1.42 1.17 9.19
N ARG B 173 -0.20 0.70 8.96
CA ARG B 173 0.94 1.59 8.76
C ARG B 173 1.03 2.00 7.29
N GLU B 174 0.70 3.26 7.00
CA GLU B 174 0.67 3.73 5.62
C GLU B 174 2.06 4.15 5.15
N ASP B 175 2.93 4.51 6.10
CA ASP B 175 4.28 4.99 5.79
C ASP B 175 5.08 5.03 7.08
N GLU B 176 6.37 5.37 6.98
CA GLU B 176 7.21 5.53 8.15
C GLU B 176 6.66 6.60 9.09
N GLY B 177 6.20 6.17 10.27
CA GLY B 177 5.78 7.08 11.31
C GLY B 177 4.34 7.55 11.24
N THR B 178 3.55 6.97 10.34
CA THR B 178 2.14 7.34 10.22
C THR B 178 1.24 6.13 10.16
N TRP B 179 -0.04 6.32 10.49
CA TRP B 179 -1.01 5.24 10.50
C TRP B 179 -2.31 5.65 9.81
N VAL B 180 -3.09 4.66 9.37
CA VAL B 180 -4.38 4.92 8.74
C VAL B 180 -5.44 3.90 9.17
N GLN B 181 -6.69 4.35 9.23
CA GLN B 181 -7.82 3.44 9.43
C GLN B 181 -8.39 3.05 8.07
N VAL B 182 -8.56 1.75 7.86
CA VAL B 182 -8.98 1.26 6.55
C VAL B 182 -10.18 0.31 6.65
N SER B 183 -11.17 0.54 5.78
CA SER B 183 -12.31 -0.35 5.65
C SER B 183 -12.48 -0.77 4.19
N LEU B 184 -12.78 -2.05 3.97
CA LEU B 184 -12.86 -2.58 2.61
C LEU B 184 -14.27 -2.97 2.19
N LEU B 185 -14.54 -2.83 0.90
CA LEU B 185 -15.74 -3.37 0.28
C LEU B 185 -15.35 -4.31 -0.85
N HIS B 186 -15.67 -5.60 -0.67
CA HIS B 186 -15.32 -6.61 -1.66
C HIS B 186 -16.59 -7.18 -2.30
N PHE B 187 -16.79 -6.91 -3.58
CA PHE B 187 -18.03 -7.29 -4.24
C PHE B 187 -17.89 -7.52 -5.74
N VAL B 188 -18.84 -8.25 -6.30
CA VAL B 188 -18.97 -8.40 -7.74
C VAL B 188 -20.21 -7.63 -8.19
N PRO B 189 -20.02 -6.40 -8.68
CA PRO B 189 -21.13 -5.51 -9.01
C PRO B 189 -21.93 -5.99 -10.21
N THR B 190 -23.25 -5.80 -10.16
CA THR B 190 -24.10 -6.10 -11.30
C THR B 190 -24.28 -4.85 -12.16
N ARG B 191 -25.20 -4.93 -13.12
CA ARG B 191 -25.47 -3.81 -14.01
C ARG B 191 -26.12 -2.65 -13.26
N GLU B 192 -27.00 -2.99 -12.32
CA GLU B 192 -27.76 -1.99 -11.58
C GLU B 192 -26.89 -1.20 -10.61
N ALA B 193 -25.67 -1.66 -10.41
CA ALA B 193 -24.74 -0.99 -9.50
C ALA B 193 -24.09 0.23 -10.16
N ASN B 194 -24.43 0.49 -11.41
CA ASN B 194 -23.89 1.64 -12.12
C ASN B 194 -24.54 2.94 -11.65
N GLY B 195 -23.71 3.92 -11.32
CA GLY B 195 -24.20 5.19 -10.82
C GLY B 195 -24.53 5.14 -9.35
N HIS B 196 -24.10 4.06 -8.69
CA HIS B 196 -24.39 3.85 -7.27
C HIS B 196 -23.73 4.91 -6.40
N ARG B 197 -24.49 5.47 -5.48
CA ARG B 197 -23.98 6.46 -4.54
C ARG B 197 -23.26 5.76 -3.39
N LEU B 198 -21.95 5.92 -3.34
CA LEU B 198 -21.14 5.26 -2.31
C LEU B 198 -20.38 6.26 -1.47
N GLY B 199 -20.57 6.18 -0.15
CA GLY B 199 -19.94 7.11 0.76
C GLY B 199 -19.33 6.45 1.99
N CYS B 200 -18.42 7.15 2.65
CA CYS B 200 -17.78 6.65 3.84
C CYS B 200 -17.82 7.69 4.97
N GLN B 201 -18.02 7.21 6.19
CA GLN B 201 -18.13 8.10 7.34
C GLN B 201 -17.05 7.82 8.38
N ALA B 202 -16.32 8.87 8.76
CA ALA B 202 -15.37 8.78 9.87
C ALA B 202 -15.99 9.45 11.09
N ALA B 203 -16.14 8.69 12.17
CA ALA B 203 -16.83 9.19 13.35
C ALA B 203 -16.06 8.94 14.64
N PHE B 204 -16.24 9.83 15.61
CA PHE B 204 -15.72 9.65 16.95
C PHE B 204 -16.87 9.77 17.93
N PRO B 205 -17.43 8.62 18.35
CA PRO B 205 -18.69 8.47 19.10
C PRO B 205 -18.89 9.47 20.23
N ASN B 206 -18.00 9.47 21.21
CA ASN B 206 -18.12 10.35 22.37
C ASN B 206 -18.05 11.83 22.01
N THR B 207 -17.35 12.14 20.92
CA THR B 207 -17.18 13.52 20.49
C THR B 207 -18.34 14.00 19.63
N THR B 208 -18.20 15.21 19.09
CA THR B 208 -19.23 15.79 18.23
C THR B 208 -18.75 15.84 16.78
N LEU B 209 -17.67 15.12 16.49
CA LEU B 209 -17.02 15.20 15.19
C LEU B 209 -17.39 14.03 14.27
N GLN B 210 -17.80 14.38 13.05
CA GLN B 210 -18.07 13.39 12.01
C GLN B 210 -17.65 13.94 10.66
N PHE B 211 -17.05 13.09 9.83
CA PHE B 211 -16.55 13.53 8.53
C PHE B 211 -17.04 12.61 7.43
N GLU B 212 -17.39 13.20 6.28
CA GLU B 212 -17.98 12.44 5.19
C GLU B 212 -17.39 12.75 3.83
N GLY B 213 -17.50 11.78 2.92
CA GLY B 213 -17.10 11.94 1.54
C GLY B 213 -17.83 10.89 0.71
N TYR B 214 -18.15 11.24 -0.53
CA TYR B 214 -18.90 10.33 -1.39
C TYR B 214 -18.23 10.11 -2.73
N ALA B 215 -18.59 9.00 -3.38
CA ALA B 215 -18.10 8.69 -4.71
C ALA B 215 -19.17 7.90 -5.47
N SER B 216 -19.27 8.14 -6.77
CA SER B 216 -20.24 7.44 -7.60
C SER B 216 -19.58 6.34 -8.42
N LEU B 217 -20.06 5.12 -8.25
CA LEU B 217 -19.51 3.97 -8.98
C LEU B 217 -19.77 4.07 -10.47
N ASP B 218 -18.71 3.99 -11.26
CA ASP B 218 -18.83 3.89 -12.71
C ASP B 218 -18.68 2.43 -13.11
N VAL B 219 -19.81 1.76 -13.35
CA VAL B 219 -19.80 0.35 -13.67
C VAL B 219 -20.04 0.10 -15.16
N LYS B 220 -19.05 -0.51 -15.80
CA LYS B 220 -19.17 -0.85 -17.21
C LYS B 220 -19.87 -2.19 -17.38
N TYR B 221 -20.62 -2.34 -18.48
CA TYR B 221 -21.32 -3.58 -18.75
C TYR B 221 -21.65 -3.73 -20.24
N PRO B 222 -21.76 -4.98 -20.73
CA PRO B 222 -22.12 -5.25 -22.13
C PRO B 222 -23.53 -4.78 -22.47
N PRO B 223 -23.83 -4.61 -23.77
CA PRO B 223 -25.14 -4.10 -24.17
C PRO B 223 -26.22 -5.17 -24.17
N VAL B 224 -27.42 -4.79 -23.74
CA VAL B 224 -28.58 -5.66 -23.84
C VAL B 224 -29.71 -4.92 -24.51
N ILE B 225 -30.17 -5.44 -25.64
CA ILE B 225 -31.26 -4.82 -26.38
C ILE B 225 -32.55 -4.90 -25.58
N VAL B 226 -33.00 -3.76 -25.07
CA VAL B 226 -34.21 -3.70 -24.26
C VAL B 226 -35.41 -3.29 -25.12
N GLU B 227 -35.18 -2.40 -26.07
CA GLU B 227 -36.23 -1.92 -26.97
C GLU B 227 -36.10 -2.55 -28.35
N MET B 228 -37.13 -3.27 -28.76
CA MET B 228 -37.17 -3.89 -30.07
C MET B 228 -38.61 -4.15 -30.50
N ASN B 229 -38.93 -3.85 -31.75
CA ASN B 229 -40.28 -4.05 -32.26
C ASN B 229 -40.65 -5.52 -32.32
N SER B 230 -41.93 -5.79 -32.54
CA SER B 230 -42.39 -7.15 -32.76
C SER B 230 -42.47 -7.41 -34.26
N SER B 231 -42.99 -8.57 -34.64
CA SER B 231 -43.20 -8.88 -36.05
C SER B 231 -44.12 -7.85 -36.69
N VAL B 232 -43.63 -7.20 -37.74
CA VAL B 232 -44.37 -6.10 -38.35
C VAL B 232 -45.17 -6.56 -39.57
N GLU B 233 -46.48 -6.33 -39.52
CA GLU B 233 -47.37 -6.62 -40.65
C GLU B 233 -47.77 -5.31 -41.30
N ALA B 234 -47.05 -4.91 -42.34
CA ALA B 234 -47.19 -3.58 -42.92
C ALA B 234 -48.16 -3.53 -44.10
N ILE B 235 -48.49 -2.30 -44.51
CA ILE B 235 -49.35 -2.07 -45.66
C ILE B 235 -48.49 -1.65 -46.85
N GLU B 236 -48.87 -2.11 -48.05
CA GLU B 236 -48.16 -1.77 -49.27
C GLU B 236 -48.04 -0.27 -49.48
N GLY B 237 -46.80 0.23 -49.52
CA GLY B 237 -46.55 1.63 -49.79
C GLY B 237 -46.60 2.51 -48.55
N SER B 238 -46.68 1.88 -47.38
CA SER B 238 -46.73 2.63 -46.13
C SER B 238 -45.32 2.87 -45.57
N HIS B 239 -45.23 3.74 -44.58
CA HIS B 239 -43.96 4.02 -43.92
C HIS B 239 -43.76 3.10 -42.72
N VAL B 240 -42.58 2.49 -42.64
CA VAL B 240 -42.27 1.59 -41.54
C VAL B 240 -41.04 2.07 -40.78
N SER B 241 -41.21 2.35 -39.49
CA SER B 241 -40.12 2.80 -38.65
C SER B 241 -39.77 1.76 -37.60
N LEU B 242 -38.56 1.22 -37.68
CA LEU B 242 -38.10 0.22 -36.72
C LEU B 242 -37.12 0.83 -35.73
N LEU B 243 -37.40 0.67 -34.44
CA LEU B 243 -36.55 1.23 -33.40
C LEU B 243 -35.83 0.13 -32.61
N CYS B 244 -34.54 0.32 -32.40
CA CYS B 244 -33.77 -0.59 -31.55
C CYS B 244 -33.11 0.20 -30.42
N GLY B 245 -33.35 -0.25 -29.19
CA GLY B 245 -32.74 0.38 -28.02
C GLY B 245 -31.85 -0.58 -27.27
N ALA B 246 -30.72 -0.09 -26.79
CA ALA B 246 -29.77 -0.92 -26.07
C ALA B 246 -29.23 -0.24 -24.82
N ASP B 247 -29.12 -0.99 -23.74
CA ASP B 247 -28.57 -0.47 -22.49
C ASP B 247 -27.13 -0.91 -22.33
N SER B 248 -26.19 0.03 -22.44
CA SER B 248 -24.78 -0.29 -22.31
C SER B 248 -23.98 0.86 -21.71
N ASN B 249 -22.87 0.51 -21.07
CA ASN B 249 -21.94 1.50 -20.55
C ASN B 249 -20.50 1.06 -20.83
N PRO B 250 -19.77 1.80 -21.68
CA PRO B 250 -20.12 3.04 -22.37
C PRO B 250 -21.17 2.84 -23.47
N PRO B 251 -21.76 3.94 -23.98
CA PRO B 251 -22.75 3.89 -25.06
C PRO B 251 -22.34 2.96 -26.21
N PRO B 252 -23.29 2.18 -26.74
CA PRO B 252 -23.00 1.11 -27.70
C PRO B 252 -23.03 1.59 -29.15
N LEU B 253 -22.44 0.80 -30.04
CA LEU B 253 -22.61 1.00 -31.46
C LEU B 253 -23.81 0.19 -31.92
N LEU B 254 -24.80 0.86 -32.51
CA LEU B 254 -25.98 0.19 -33.01
C LEU B 254 -25.91 0.02 -34.51
N THR B 255 -26.24 -1.17 -35.00
CA THR B 255 -26.15 -1.46 -36.42
C THR B 255 -27.38 -2.21 -36.93
N TRP B 256 -28.09 -1.59 -37.86
CA TRP B 256 -29.22 -2.25 -38.52
C TRP B 256 -28.73 -3.05 -39.71
N MET B 257 -29.12 -4.32 -39.76
CA MET B 257 -28.65 -5.24 -40.80
C MET B 257 -29.80 -6.03 -41.43
N ARG B 258 -29.72 -6.25 -42.74
CA ARG B 258 -30.58 -7.23 -43.39
C ARG B 258 -29.72 -8.15 -44.26
N ASP B 259 -29.83 -9.45 -44.02
CA ASP B 259 -29.09 -10.48 -44.76
C ASP B 259 -27.59 -10.21 -44.84
N GLY B 260 -27.03 -9.64 -43.77
CA GLY B 260 -25.59 -9.40 -43.71
C GLY B 260 -25.17 -8.03 -44.23
N MET B 261 -26.12 -7.30 -44.81
CA MET B 261 -25.85 -5.97 -45.34
C MET B 261 -26.15 -4.90 -44.31
N VAL B 262 -25.22 -3.95 -44.13
CA VAL B 262 -25.39 -2.88 -43.17
C VAL B 262 -26.29 -1.78 -43.73
N LEU B 263 -27.38 -1.49 -43.02
CA LEU B 263 -28.34 -0.48 -43.46
C LEU B 263 -28.04 0.87 -42.84
N ARG B 264 -28.00 0.89 -41.51
CA ARG B 264 -27.67 2.12 -40.78
C ARG B 264 -26.79 1.78 -39.58
N GLU B 265 -25.99 2.76 -39.16
CA GLU B 265 -24.99 2.54 -38.11
C GLU B 265 -24.74 3.81 -37.31
N ALA B 266 -24.80 3.70 -35.98
CA ALA B 266 -24.60 4.85 -35.11
C ALA B 266 -24.27 4.46 -33.68
N VAL B 267 -23.45 5.28 -33.03
CA VAL B 267 -23.15 5.09 -31.61
C VAL B 267 -24.17 5.86 -30.77
N ALA B 268 -25.17 5.14 -30.28
CA ALA B 268 -26.23 5.75 -29.47
C ALA B 268 -26.96 4.70 -28.65
N LYS B 269 -27.88 5.14 -27.80
CA LYS B 269 -28.67 4.22 -26.99
C LYS B 269 -29.88 3.71 -27.77
N SER B 270 -30.28 4.45 -28.79
CA SER B 270 -31.39 4.06 -29.64
C SER B 270 -31.16 4.50 -31.08
N LEU B 271 -31.47 3.61 -32.02
CA LEU B 271 -31.29 3.91 -33.43
C LEU B 271 -32.55 3.56 -34.23
N TYR B 272 -32.94 4.45 -35.13
CA TYR B 272 -34.13 4.25 -35.95
C TYR B 272 -33.78 3.73 -37.34
N LEU B 273 -34.64 2.85 -37.86
CA LEU B 273 -34.54 2.40 -39.25
C LEU B 273 -35.84 2.71 -39.97
N ASP B 274 -35.81 3.70 -40.86
CA ASP B 274 -37.00 4.13 -41.57
C ASP B 274 -37.10 3.51 -42.95
N LEU B 275 -38.18 2.76 -43.18
CA LEU B 275 -38.45 2.19 -44.49
C LEU B 275 -39.63 2.92 -45.13
N GLU B 276 -39.41 3.46 -46.32
CA GLU B 276 -40.42 4.26 -47.00
C GLU B 276 -41.02 3.54 -48.20
N GLU B 277 -42.36 3.58 -48.28
CA GLU B 277 -43.11 2.97 -49.36
C GLU B 277 -42.75 1.50 -49.54
N VAL B 278 -43.03 0.71 -48.50
CA VAL B 278 -42.61 -0.69 -48.47
C VAL B 278 -43.34 -1.56 -49.49
N THR B 279 -42.60 -2.51 -50.06
CA THR B 279 -43.14 -3.45 -51.03
C THR B 279 -42.87 -4.87 -50.53
N PRO B 280 -43.50 -5.89 -51.14
CA PRO B 280 -43.18 -7.28 -50.78
C PRO B 280 -41.69 -7.62 -50.94
N GLY B 281 -40.98 -6.85 -51.76
CA GLY B 281 -39.54 -7.03 -51.90
C GLY B 281 -38.82 -6.80 -50.59
N GLU B 282 -39.25 -5.76 -49.87
CA GLU B 282 -38.64 -5.41 -48.60
C GLU B 282 -39.32 -6.11 -47.43
N ASP B 283 -39.44 -7.43 -47.52
CA ASP B 283 -39.93 -8.23 -46.39
C ASP B 283 -38.81 -9.14 -45.92
N GLY B 284 -38.97 -9.73 -44.74
CA GLY B 284 -37.97 -10.65 -44.22
C GLY B 284 -37.40 -10.23 -42.89
N VAL B 285 -36.14 -10.61 -42.64
CA VAL B 285 -35.52 -10.45 -41.34
C VAL B 285 -34.63 -9.21 -41.25
N TYR B 286 -34.92 -8.36 -40.27
CA TYR B 286 -34.13 -7.17 -39.99
C TYR B 286 -33.46 -7.29 -38.63
N ALA B 287 -32.12 -7.18 -38.61
CA ALA B 287 -31.38 -7.42 -37.38
C ALA B 287 -30.75 -6.16 -36.81
N CYS B 288 -30.86 -5.98 -35.50
CA CYS B 288 -30.20 -4.88 -34.80
C CYS B 288 -29.00 -5.41 -34.00
N LEU B 289 -27.85 -4.79 -34.20
CA LEU B 289 -26.63 -5.22 -33.51
C LEU B 289 -26.12 -4.18 -32.54
N ALA B 290 -25.98 -4.58 -31.27
CA ALA B 290 -25.46 -3.68 -30.25
C ALA B 290 -24.07 -4.16 -29.83
N GLU B 291 -23.06 -3.32 -30.02
CA GLU B 291 -21.69 -3.70 -29.72
C GLU B 291 -21.02 -2.75 -28.73
N ASN B 292 -20.32 -3.34 -27.76
CA ASN B 292 -19.63 -2.57 -26.73
C ASN B 292 -18.25 -3.18 -26.47
N ALA B 293 -17.43 -2.46 -25.71
CA ALA B 293 -16.08 -2.92 -25.41
C ALA B 293 -16.08 -4.14 -24.49
N TYR B 294 -17.24 -4.43 -23.91
CA TYR B 294 -17.34 -5.50 -22.92
C TYR B 294 -18.33 -6.58 -23.31
N GLY B 295 -18.86 -6.49 -24.54
CA GLY B 295 -19.79 -7.50 -25.03
C GLY B 295 -20.63 -7.04 -26.20
N GLN B 296 -21.55 -7.90 -26.61
CA GLN B 296 -22.46 -7.60 -27.72
C GLN B 296 -23.81 -8.28 -27.52
N ASP B 297 -24.80 -7.88 -28.31
CA ASP B 297 -26.13 -8.46 -28.25
C ASP B 297 -26.88 -8.23 -29.56
N ASN B 298 -27.79 -9.13 -29.89
CA ASN B 298 -28.58 -8.98 -31.10
C ASN B 298 -30.04 -9.41 -30.99
N ARG B 299 -30.86 -8.81 -31.83
CA ARG B 299 -32.27 -9.16 -31.94
C ARG B 299 -32.74 -8.89 -33.36
N THR B 300 -33.76 -9.63 -33.78
CA THR B 300 -34.26 -9.50 -35.14
C THR B 300 -35.76 -9.19 -35.19
N VAL B 301 -36.13 -8.21 -36.01
CA VAL B 301 -37.52 -7.96 -36.30
C VAL B 301 -37.83 -8.44 -37.71
N GLU B 302 -38.94 -9.14 -37.89
CA GLU B 302 -39.32 -9.59 -39.21
C GLU B 302 -40.40 -8.69 -39.80
N LEU B 303 -40.23 -8.33 -41.06
CA LEU B 303 -41.20 -7.48 -41.75
C LEU B 303 -41.97 -8.29 -42.79
N SER B 304 -43.29 -8.13 -42.79
CA SER B 304 -44.14 -8.78 -43.78
C SER B 304 -45.18 -7.81 -44.30
N VAL B 305 -45.22 -7.63 -45.60
CA VAL B 305 -46.20 -6.76 -46.23
C VAL B 305 -47.44 -7.57 -46.59
N MET B 306 -48.38 -7.65 -45.65
CA MET B 306 -49.54 -8.52 -45.79
C MET B 306 -50.77 -7.81 -46.35
N TYR B 307 -50.88 -6.51 -46.07
CA TYR B 307 -52.10 -5.78 -46.38
C TYR B 307 -51.98 -4.90 -47.62
N ALA B 308 -52.87 -5.14 -48.57
CA ALA B 308 -52.94 -4.32 -49.78
C ALA B 308 -53.45 -2.92 -49.44
N ALA B 309 -52.93 -1.92 -50.12
CA ALA B 309 -53.31 -0.53 -49.85
C ALA B 309 -54.60 -0.17 -50.59
N ALA B 310 -55.47 0.55 -49.90
CA ALA B 310 -56.71 1.03 -50.51
C ALA B 310 -56.40 2.22 -51.42
N ALA B 311 -57.25 2.43 -52.42
CA ALA B 311 -57.08 3.55 -53.35
C ALA B 311 -57.19 4.87 -52.60
N HIS B 312 -56.40 5.85 -53.02
CA HIS B 312 -56.28 7.11 -52.29
C HIS B 312 -57.44 8.08 -52.55
N HIS B 313 -57.86 8.18 -53.81
CA HIS B 313 -58.85 9.18 -54.22
C HIS B 313 -58.33 10.57 -53.83
N HIS B 314 -57.15 10.90 -54.36
CA HIS B 314 -56.43 12.12 -53.99
C HIS B 314 -57.30 13.37 -54.08
#